data_5HGP
#
_entry.id   5HGP
#
_cell.length_a   90.759
_cell.length_b   90.759
_cell.length_c   56.760
_cell.angle_alpha   90.000
_cell.angle_beta   90.000
_cell.angle_gamma   120.000
#
_symmetry.space_group_name_H-M   'P 6'
#
loop_
_entity.id
_entity.type
_entity.pdbx_description
1 polymer 'Capsid protein P24'
2 non-polymer 'BENZENE HEXACARBOXYLIC ACID'
3 water water
#
_entity_poly.entity_id   1
_entity_poly.type   'polypeptide(L)'
_entity_poly.pdbx_seq_one_letter_code
;PIVQNLQGQMVHQCISPRTLNAWVKVVEEKAFSPEVIPMFSALSCGATPQDLNTMLNTVGGHQAAMQMLKETINEEAAEW
DRLHPVHAGPIAPGQMREPRGSDIAGTTSTLQEQIGWMTHNPPIPVGEIYKRWIILGLNKIVRMYSPTSILDIRQGPKEP
FRDYVDRFYKTLRAEQASQEVKNAATETLLVQNANPDCKTILKALGPGATLEEMMTACQGVGGPGHKARVL
;
_entity_poly.pdbx_strand_id   A
#
# COMPACT_ATOMS: atom_id res chain seq x y z
N PRO A 1 11.52 4.93 -13.92
CA PRO A 1 11.79 5.73 -12.71
C PRO A 1 12.81 6.80 -12.96
N ILE A 2 12.98 7.70 -12.00
CA ILE A 2 14.08 8.66 -12.04
C ILE A 2 15.12 8.16 -11.03
N VAL A 3 16.35 7.97 -11.50
CA VAL A 3 17.46 7.50 -10.65
C VAL A 3 18.69 8.39 -10.75
N GLN A 4 19.56 8.28 -9.76
CA GLN A 4 20.90 8.86 -9.85
C GLN A 4 21.78 7.97 -10.72
N ASN A 5 22.38 8.54 -11.75
CA ASN A 5 23.42 7.82 -12.52
C ASN A 5 24.72 7.63 -11.68
N LEU A 6 25.77 7.08 -12.30
CA LEU A 6 27.10 6.95 -11.66
C LEU A 6 27.77 8.31 -11.41
N GLN A 7 27.61 9.24 -12.36
CA GLN A 7 28.11 10.62 -12.21
C GLN A 7 27.38 11.46 -11.15
N GLY A 8 26.11 11.14 -10.87
CA GLY A 8 25.31 11.81 -9.83
C GLY A 8 24.18 12.74 -10.28
N GLN A 9 23.83 12.73 -11.57
CA GLN A 9 22.65 13.47 -12.08
C GLN A 9 21.39 12.60 -11.99
N MET A 10 20.23 13.25 -11.82
CA MET A 10 18.93 12.57 -11.78
C MET A 10 18.42 12.35 -13.21
N VAL A 11 18.43 11.10 -13.64
CA VAL A 11 18.05 10.72 -15.02
C VAL A 11 16.85 9.78 -15.01
N HIS A 12 16.05 9.84 -16.09
CA HIS A 12 15.02 8.85 -16.31
C HIS A 12 15.62 7.53 -16.77
N GLN A 13 15.10 6.43 -16.23
CA GLN A 13 15.43 5.09 -16.68
C GLN A 13 14.14 4.33 -16.98
N CYS A 14 14.17 3.46 -17.99
CA CYS A 14 13.03 2.57 -18.30
C CYS A 14 12.75 1.69 -17.10
N ILE A 15 11.47 1.48 -16.82
CA ILE A 15 11.05 0.46 -15.87
C ILE A 15 11.54 -0.90 -16.35
N SER A 16 12.11 -1.70 -15.45
CA SER A 16 12.78 -2.95 -15.85
C SER A 16 11.78 -4.10 -16.01
N PRO A 17 12.06 -5.03 -16.93
CA PRO A 17 11.26 -6.25 -17.02
C PRO A 17 11.12 -7.00 -15.69
N ARG A 18 12.19 -7.04 -14.89
CA ARG A 18 12.14 -7.65 -13.57
C ARG A 18 11.12 -6.98 -12.66
N THR A 19 11.14 -5.65 -12.59
CA THR A 19 10.17 -4.91 -11.78
C THR A 19 8.74 -5.19 -12.25
N LEU A 20 8.50 -5.09 -13.56
CA LEU A 20 7.17 -5.32 -14.13
C LEU A 20 6.62 -6.69 -13.77
N ASN A 21 7.47 -7.70 -13.92
CA ASN A 21 7.09 -9.08 -13.65
C ASN A 21 6.85 -9.32 -12.16
N ALA A 22 7.70 -8.76 -11.31
CA ALA A 22 7.55 -8.87 -9.85
C ALA A 22 6.19 -8.35 -9.36
N TRP A 23 5.77 -7.19 -9.86
CA TRP A 23 4.49 -6.63 -9.47
C TRP A 23 3.30 -7.48 -9.94
N VAL A 24 3.31 -7.82 -11.23
CA VAL A 24 2.27 -8.67 -11.77
C VAL A 24 2.16 -10.00 -11.02
N LYS A 25 3.30 -10.62 -10.71
N LYS A 25 3.29 -10.63 -10.71
CA LYS A 25 3.33 -11.90 -10.01
CA LYS A 25 3.31 -11.92 -10.01
C LYS A 25 2.85 -11.79 -8.56
C LYS A 25 2.89 -11.81 -8.55
N VAL A 26 3.24 -10.73 -7.87
CA VAL A 26 2.81 -10.55 -6.47
C VAL A 26 1.28 -10.35 -6.39
N VAL A 27 0.71 -9.58 -7.29
CA VAL A 27 -0.75 -9.44 -7.37
C VAL A 27 -1.42 -10.76 -7.72
N GLU A 28 -0.87 -11.53 -8.67
CA GLU A 28 -1.39 -12.88 -8.99
C GLU A 28 -1.39 -13.82 -7.78
N GLU A 29 -0.32 -13.78 -7.00
CA GLU A 29 -0.15 -14.72 -5.91
C GLU A 29 -0.82 -14.27 -4.61
N LYS A 30 -0.85 -12.97 -4.32
CA LYS A 30 -1.27 -12.45 -3.01
C LYS A 30 -2.57 -11.64 -3.04
N ALA A 31 -3.04 -11.28 -4.24
CA ALA A 31 -4.21 -10.41 -4.40
C ALA A 31 -4.05 -9.15 -3.52
N PHE A 32 -5.01 -8.83 -2.64
CA PHE A 32 -4.88 -7.65 -1.79
C PHE A 32 -4.72 -8.00 -0.31
N SER A 33 -3.93 -9.03 -0.06
CA SER A 33 -3.37 -9.24 1.27
C SER A 33 -2.55 -7.98 1.63
N PRO A 34 -2.58 -7.57 2.91
CA PRO A 34 -1.94 -6.29 3.29
C PRO A 34 -0.48 -6.13 2.88
N GLU A 35 0.29 -7.21 2.91
CA GLU A 35 1.74 -7.13 2.57
C GLU A 35 2.03 -6.75 1.09
N VAL A 36 1.00 -6.73 0.26
CA VAL A 36 1.17 -6.33 -1.14
CA VAL A 36 1.13 -6.32 -1.15
C VAL A 36 1.46 -4.83 -1.24
N ILE A 37 0.94 -4.04 -0.31
CA ILE A 37 1.14 -2.59 -0.35
C ILE A 37 2.59 -2.13 -0.15
N PRO A 38 3.28 -2.60 0.91
CA PRO A 38 4.70 -2.27 0.99
C PRO A 38 5.54 -2.84 -0.18
N MET A 39 5.15 -3.97 -0.77
CA MET A 39 5.83 -4.47 -1.95
C MET A 39 5.62 -3.48 -3.12
N PHE A 40 4.38 -3.01 -3.28
CA PHE A 40 4.08 -2.02 -4.32
C PHE A 40 4.96 -0.79 -4.14
N SER A 41 4.99 -0.29 -2.92
CA SER A 41 5.74 0.92 -2.63
C SER A 41 7.23 0.77 -2.94
N ALA A 42 7.79 -0.40 -2.62
CA ALA A 42 9.21 -0.65 -2.84
C ALA A 42 9.51 -0.89 -4.32
N LEU A 43 8.63 -1.63 -5.01
CA LEU A 43 8.80 -1.83 -6.45
C LEU A 43 8.67 -0.55 -7.28
N SER A 44 7.92 0.43 -6.77
CA SER A 44 7.74 1.72 -7.46
C SER A 44 8.67 2.84 -6.92
N CYS A 45 9.79 2.45 -6.31
CA CYS A 45 10.79 3.40 -5.84
C CYS A 45 11.30 4.25 -7.04
N GLY A 46 11.22 5.57 -6.90
CA GLY A 46 11.59 6.51 -7.95
C GLY A 46 10.65 6.61 -9.15
N ALA A 47 9.49 5.96 -9.06
CA ALA A 47 8.55 5.89 -10.18
C ALA A 47 8.04 7.25 -10.59
N THR A 48 7.98 7.49 -11.91
CA THR A 48 7.15 8.56 -12.47
C THR A 48 5.68 8.16 -12.39
N PRO A 49 4.75 9.12 -12.54
CA PRO A 49 3.34 8.77 -12.70
C PRO A 49 3.09 7.79 -13.84
N GLN A 50 3.82 7.95 -14.93
CA GLN A 50 3.74 7.01 -16.04
C GLN A 50 4.06 5.60 -15.58
N ASP A 51 5.14 5.44 -14.82
CA ASP A 51 5.49 4.13 -14.28
C ASP A 51 4.41 3.56 -13.37
N LEU A 52 3.81 4.42 -12.55
CA LEU A 52 2.79 4.00 -11.61
C LEU A 52 1.57 3.50 -12.37
N ASN A 53 1.15 4.22 -13.41
CA ASN A 53 0.05 3.72 -14.26
C ASN A 53 0.39 2.42 -14.95
N THR A 54 1.64 2.29 -15.40
CA THR A 54 2.10 1.04 -16.01
C THR A 54 1.87 -0.12 -15.08
N MET A 55 2.30 0.03 -13.84
CA MET A 55 2.18 -1.04 -12.86
C MET A 55 0.72 -1.40 -12.62
N LEU A 56 -0.11 -0.39 -12.40
CA LEU A 56 -1.54 -0.62 -12.19
C LEU A 56 -2.21 -1.23 -13.43
N ASN A 57 -1.88 -0.69 -14.62
CA ASN A 57 -2.50 -1.15 -15.86
C ASN A 57 -2.09 -2.55 -16.32
N THR A 58 -0.92 -3.04 -15.87
CA THR A 58 -0.48 -4.38 -16.24
C THR A 58 -1.19 -5.48 -15.46
N VAL A 59 -1.92 -5.11 -14.40
CA VAL A 59 -2.75 -6.05 -13.67
C VAL A 59 -3.95 -6.45 -14.54
N GLY A 60 -4.07 -7.76 -14.81
CA GLY A 60 -5.14 -8.30 -15.63
C GLY A 60 -6.42 -8.58 -14.85
N GLY A 61 -6.32 -9.07 -13.63
CA GLY A 61 -7.55 -9.36 -12.86
C GLY A 61 -8.02 -8.17 -12.03
N HIS A 62 -8.88 -8.47 -11.08
CA HIS A 62 -9.23 -7.54 -10.01
C HIS A 62 -9.72 -6.19 -10.52
N GLN A 63 -10.50 -6.19 -11.60
CA GLN A 63 -10.93 -4.92 -12.19
C GLN A 63 -11.95 -4.15 -11.36
N ALA A 64 -12.68 -4.83 -10.46
CA ALA A 64 -13.51 -4.13 -9.47
C ALA A 64 -12.63 -3.25 -8.57
N ALA A 65 -11.56 -3.84 -8.05
CA ALA A 65 -10.54 -3.10 -7.31
C ALA A 65 -9.89 -1.96 -8.09
N MET A 66 -9.50 -2.21 -9.33
N MET A 66 -9.50 -2.21 -9.33
CA MET A 66 -8.84 -1.18 -10.14
CA MET A 66 -8.87 -1.17 -10.17
C MET A 66 -9.80 -0.01 -10.43
C MET A 66 -9.81 0.01 -10.41
N GLN A 67 -11.09 -0.29 -10.60
CA GLN A 67 -12.11 0.76 -10.77
C GLN A 67 -12.32 1.55 -9.46
N MET A 68 -12.33 0.86 -8.30
CA MET A 68 -12.39 1.56 -7.01
C MET A 68 -11.18 2.45 -6.82
N LEU A 69 -10.02 1.96 -7.23
CA LEU A 69 -8.80 2.74 -7.17
C LEU A 69 -8.85 4.06 -7.97
N LYS A 70 -9.37 3.99 -9.20
CA LYS A 70 -9.57 5.19 -10.02
C LYS A 70 -10.47 6.22 -9.33
N GLU A 71 -11.53 5.75 -8.67
CA GLU A 71 -12.42 6.62 -7.89
C GLU A 71 -11.66 7.36 -6.78
N THR A 72 -10.84 6.63 -6.04
CA THR A 72 -10.04 7.23 -4.98
C THR A 72 -9.07 8.26 -5.58
N ILE A 73 -8.37 7.86 -6.64
CA ILE A 73 -7.44 8.75 -7.34
C ILE A 73 -8.15 10.03 -7.82
N ASN A 74 -9.34 9.89 -8.38
CA ASN A 74 -10.10 11.06 -8.85
C ASN A 74 -10.54 12.00 -7.71
N GLU A 75 -10.92 11.42 -6.56
CA GLU A 75 -11.22 12.21 -5.35
C GLU A 75 -9.98 12.95 -4.86
N GLU A 76 -8.83 12.28 -4.85
CA GLU A 76 -7.58 12.93 -4.42
C GLU A 76 -7.13 13.98 -5.41
N ALA A 77 -7.31 13.71 -6.70
CA ALA A 77 -7.02 14.70 -7.75
C ALA A 77 -7.90 15.95 -7.64
N ALA A 78 -9.19 15.76 -7.34
CA ALA A 78 -10.12 16.87 -7.23
C ALA A 78 -9.75 17.74 -6.02
N GLU A 79 -9.43 17.10 -4.89
CA GLU A 79 -8.93 17.80 -3.71
C GLU A 79 -7.60 18.53 -3.95
N TRP A 80 -6.70 17.95 -4.74
CA TRP A 80 -5.50 18.66 -5.18
C TRP A 80 -5.86 19.95 -5.96
N ASP A 81 -6.76 19.85 -6.92
CA ASP A 81 -7.15 21.03 -7.71
C ASP A 81 -7.84 22.12 -6.89
N ARG A 82 -8.51 21.72 -5.82
CA ARG A 82 -9.16 22.65 -4.90
C ARG A 82 -8.11 23.45 -4.17
N LEU A 83 -7.09 22.77 -3.65
CA LEU A 83 -5.98 23.43 -2.95
C LEU A 83 -4.92 24.08 -3.85
N HIS A 84 -4.86 23.70 -5.13
CA HIS A 84 -3.81 24.16 -6.03
C HIS A 84 -4.38 24.53 -7.41
N PRO A 85 -5.11 25.67 -7.48
CA PRO A 85 -5.57 26.15 -8.78
C PRO A 85 -4.42 26.63 -9.67
N VAL A 86 -4.57 26.47 -10.99
CA VAL A 86 -3.55 26.81 -11.97
C VAL A 86 -4.10 27.84 -12.97
N HIS A 87 -3.25 28.75 -13.44
CA HIS A 87 -3.66 29.90 -14.29
C HIS A 87 -4.32 29.47 -15.60
N ILE A 91 0.78 29.37 -21.50
CA ILE A 91 2.05 28.89 -20.99
C ILE A 91 3.17 29.81 -21.45
N ALA A 92 3.97 30.30 -20.50
CA ALA A 92 5.18 31.07 -20.79
C ALA A 92 6.11 30.22 -21.66
N PRO A 93 6.50 30.72 -22.86
CA PRO A 93 7.32 29.92 -23.78
C PRO A 93 8.54 29.32 -23.09
N GLY A 94 8.72 28.02 -23.26
CA GLY A 94 9.85 27.29 -22.71
C GLY A 94 9.87 27.12 -21.20
N GLN A 95 8.77 27.46 -20.52
CA GLN A 95 8.70 27.35 -19.07
C GLN A 95 7.82 26.19 -18.65
N MET A 96 7.94 25.82 -17.38
CA MET A 96 7.27 24.70 -16.79
C MET A 96 5.89 25.12 -16.32
N ARG A 97 4.83 24.43 -16.77
CA ARG A 97 3.48 24.65 -16.22
C ARG A 97 3.30 23.94 -14.86
N GLU A 98 2.34 24.41 -14.06
CA GLU A 98 2.02 23.84 -12.74
C GLU A 98 1.12 22.61 -12.92
N PRO A 99 1.37 21.52 -12.17
CA PRO A 99 0.58 20.31 -12.39
C PRO A 99 -0.81 20.34 -11.77
N ARG A 100 -1.82 19.94 -12.54
CA ARG A 100 -3.17 19.67 -12.02
C ARG A 100 -3.21 18.24 -11.47
N GLY A 101 -4.32 17.89 -10.82
CA GLY A 101 -4.53 16.53 -10.32
C GLY A 101 -4.34 15.43 -11.35
N SER A 102 -4.96 15.62 -12.51
CA SER A 102 -4.85 14.69 -13.62
C SER A 102 -3.45 14.61 -14.25
N ASP A 103 -2.62 15.65 -14.04
CA ASP A 103 -1.21 15.64 -14.43
C ASP A 103 -0.38 14.81 -13.47
N ILE A 104 -0.66 14.95 -12.19
CA ILE A 104 -0.05 14.12 -11.15
C ILE A 104 -0.39 12.64 -11.36
N ALA A 105 -1.64 12.36 -11.72
CA ALA A 105 -2.09 10.99 -12.01
C ALA A 105 -1.64 10.47 -13.38
N GLY A 106 -0.93 11.29 -14.15
CA GLY A 106 -0.31 10.88 -15.38
C GLY A 106 -1.23 10.73 -16.58
N THR A 107 -2.48 11.18 -16.47
CA THR A 107 -3.45 11.01 -17.55
C THR A 107 -3.42 12.19 -18.53
N THR A 108 -3.03 13.39 -18.07
CA THR A 108 -2.95 14.58 -18.93
C THR A 108 -1.58 15.22 -19.00
N SER A 109 -0.55 14.54 -18.48
CA SER A 109 0.82 15.05 -18.54
C SER A 109 1.69 14.09 -19.33
N THR A 110 2.70 14.61 -20.02
CA THR A 110 3.64 13.77 -20.76
C THR A 110 4.76 13.28 -19.85
N LEU A 111 5.49 12.26 -20.31
CA LEU A 111 6.66 11.78 -19.58
C LEU A 111 7.66 12.92 -19.36
N GLN A 112 7.87 13.72 -20.39
CA GLN A 112 8.79 14.87 -20.31
C GLN A 112 8.37 15.88 -19.25
N GLU A 113 7.08 16.19 -19.20
CA GLU A 113 6.58 17.07 -18.14
C GLU A 113 6.83 16.48 -16.77
N GLN A 114 6.55 15.18 -16.63
CA GLN A 114 6.75 14.48 -15.37
C GLN A 114 8.20 14.53 -14.93
N ILE A 115 9.11 14.27 -15.86
CA ILE A 115 10.56 14.36 -15.57
C ILE A 115 10.96 15.79 -15.19
N GLY A 116 10.45 16.77 -15.92
CA GLY A 116 10.69 18.17 -15.61
C GLY A 116 10.28 18.54 -14.20
N TRP A 117 9.09 18.12 -13.77
CA TRP A 117 8.65 18.39 -12.38
C TRP A 117 9.50 17.69 -11.35
N MET A 118 9.73 16.38 -11.55
CA MET A 118 10.44 15.57 -10.56
C MET A 118 11.92 15.90 -10.40
N THR A 119 12.55 16.46 -11.44
CA THR A 119 13.97 16.84 -11.41
C THR A 119 14.20 18.36 -11.27
N HIS A 120 13.13 19.14 -11.21
CA HIS A 120 13.19 20.57 -10.88
C HIS A 120 13.93 20.77 -9.55
N ASN A 121 14.44 21.97 -9.35
CA ASN A 121 15.09 22.38 -8.09
C ASN A 121 14.30 23.57 -7.50
N PRO A 122 13.51 23.36 -6.44
CA PRO A 122 13.28 22.07 -5.78
C PRO A 122 12.34 21.16 -6.57
N PRO A 123 12.43 19.83 -6.36
CA PRO A 123 11.55 18.91 -7.10
C PRO A 123 10.07 19.12 -6.75
N ILE A 124 9.22 19.02 -7.77
CA ILE A 124 7.78 18.95 -7.57
C ILE A 124 7.47 17.47 -7.70
N PRO A 125 7.36 16.76 -6.55
CA PRO A 125 7.49 15.31 -6.55
C PRO A 125 6.21 14.59 -6.95
N VAL A 126 5.86 14.71 -8.23
CA VAL A 126 4.58 14.21 -8.73
C VAL A 126 4.45 12.70 -8.61
N GLY A 127 5.56 11.98 -8.72
CA GLY A 127 5.56 10.53 -8.53
C GLY A 127 5.21 10.17 -7.09
N GLU A 128 5.81 10.87 -6.14
CA GLU A 128 5.54 10.60 -4.71
C GLU A 128 4.12 10.99 -4.32
N ILE A 129 3.61 12.07 -4.90
CA ILE A 129 2.28 12.55 -4.58
C ILE A 129 1.26 11.54 -5.10
N TYR A 130 1.45 11.10 -6.34
CA TYR A 130 0.56 10.13 -6.93
C TYR A 130 0.61 8.80 -6.19
N LYS A 131 1.82 8.37 -5.81
CA LYS A 131 1.98 7.11 -5.07
C LYS A 131 1.18 7.09 -3.76
N ARG A 132 1.18 8.22 -3.07
CA ARG A 132 0.38 8.40 -1.84
C ARG A 132 -1.12 8.19 -2.10
N TRP A 133 -1.65 8.81 -3.17
CA TRP A 133 -3.05 8.62 -3.55
C TRP A 133 -3.33 7.14 -3.85
N ILE A 134 -2.42 6.50 -4.58
CA ILE A 134 -2.61 5.10 -4.95
C ILE A 134 -2.65 4.22 -3.71
N ILE A 135 -1.72 4.44 -2.80
CA ILE A 135 -1.65 3.65 -1.56
C ILE A 135 -2.88 3.86 -0.68
N LEU A 136 -3.35 5.11 -0.60
CA LEU A 136 -4.65 5.43 0.04
C LEU A 136 -5.74 4.51 -0.53
N GLY A 137 -5.80 4.46 -1.87
CA GLY A 137 -6.76 3.61 -2.57
C GLY A 137 -6.58 2.13 -2.33
N LEU A 138 -5.33 1.67 -2.33
CA LEU A 138 -5.03 0.27 -2.08
C LEU A 138 -5.39 -0.14 -0.64
N ASN A 139 -5.10 0.72 0.32
CA ASN A 139 -5.51 0.47 1.70
C ASN A 139 -7.02 0.23 1.84
N LYS A 140 -7.82 1.02 1.14
CA LYS A 140 -9.28 0.84 1.17
C LYS A 140 -9.67 -0.52 0.62
N ILE A 141 -8.98 -0.95 -0.44
CA ILE A 141 -9.23 -2.24 -1.08
C ILE A 141 -8.85 -3.39 -0.15
N VAL A 142 -7.67 -3.30 0.46
CA VAL A 142 -7.21 -4.31 1.45
C VAL A 142 -8.30 -4.50 2.52
N ARG A 143 -8.84 -3.40 3.02
CA ARG A 143 -9.84 -3.44 4.09
C ARG A 143 -11.17 -4.02 3.58
N MET A 144 -11.61 -3.57 2.41
CA MET A 144 -12.78 -4.15 1.77
C MET A 144 -12.68 -5.67 1.60
N TYR A 145 -11.53 -6.15 1.13
CA TYR A 145 -11.33 -7.57 0.84
C TYR A 145 -10.88 -8.38 2.07
N SER A 146 -10.68 -7.73 3.19
CA SER A 146 -10.44 -8.42 4.47
C SER A 146 -11.66 -9.31 4.76
N PRO A 147 -11.48 -10.64 4.79
CA PRO A 147 -12.65 -11.52 4.89
C PRO A 147 -13.29 -11.65 6.28
N THR A 148 -12.57 -11.37 7.37
CA THR A 148 -13.06 -11.73 8.72
C THR A 148 -12.88 -10.61 9.75
N SER A 149 -13.88 -10.44 10.61
CA SER A 149 -13.81 -9.53 11.73
C SER A 149 -12.86 -10.14 12.76
N ILE A 150 -12.09 -9.29 13.43
CA ILE A 150 -11.28 -9.72 14.57
C ILE A 150 -12.13 -10.36 15.69
N LEU A 151 -13.41 -9.98 15.80
CA LEU A 151 -14.33 -10.60 16.75
C LEU A 151 -14.51 -12.11 16.52
N ASP A 152 -14.30 -12.57 15.29
CA ASP A 152 -14.46 -13.98 14.92
C ASP A 152 -13.15 -14.76 14.90
N ILE A 153 -12.04 -14.14 15.29
CA ILE A 153 -10.78 -14.86 15.45
C ILE A 153 -10.72 -15.35 16.88
N ARG A 154 -11.06 -16.62 17.06
CA ARG A 154 -11.03 -17.27 18.37
CA ARG A 154 -11.02 -17.27 18.38
C ARG A 154 -10.21 -18.55 18.34
N GLN A 155 -9.43 -18.77 19.41
CA GLN A 155 -8.54 -19.94 19.48
C GLN A 155 -9.35 -21.24 19.56
N GLY A 156 -9.00 -22.20 18.69
CA GLY A 156 -9.59 -23.52 18.74
C GLY A 156 -9.15 -24.27 19.99
N PRO A 157 -9.96 -25.25 20.45
CA PRO A 157 -9.62 -26.05 21.63
C PRO A 157 -8.25 -26.75 21.59
N LYS A 158 -7.81 -27.19 20.41
CA LYS A 158 -6.50 -27.84 20.23
C LYS A 158 -5.50 -26.96 19.48
N GLU A 159 -5.85 -25.69 19.26
CA GLU A 159 -5.05 -24.83 18.40
C GLU A 159 -3.89 -24.27 19.21
N PRO A 160 -2.66 -24.49 18.73
CA PRO A 160 -1.51 -23.88 19.40
C PRO A 160 -1.69 -22.35 19.51
N PHE A 161 -1.34 -21.79 20.65
CA PHE A 161 -1.50 -20.34 20.88
C PHE A 161 -0.82 -19.50 19.79
N ARG A 162 0.40 -19.88 19.42
CA ARG A 162 1.14 -19.23 18.33
C ARG A 162 0.34 -19.10 17.05
N ASP A 163 -0.30 -20.19 16.65
CA ASP A 163 -1.09 -20.21 15.42
C ASP A 163 -2.31 -19.31 15.54
N TYR A 164 -2.94 -19.31 16.71
CA TYR A 164 -4.05 -18.39 16.97
C TYR A 164 -3.62 -16.91 16.92
N VAL A 165 -2.50 -16.58 17.54
CA VAL A 165 -1.99 -15.21 17.54
C VAL A 165 -1.62 -14.75 16.11
N ASP A 166 -1.03 -15.66 15.34
CA ASP A 166 -0.79 -15.40 13.92
C ASP A 166 -2.07 -15.01 13.19
N ARG A 167 -3.14 -15.77 13.39
CA ARG A 167 -4.43 -15.46 12.73
C ARG A 167 -4.99 -14.14 13.23
N PHE A 168 -4.85 -13.90 14.53
CA PHE A 168 -5.35 -12.67 15.16
C PHE A 168 -4.72 -11.44 14.58
N TYR A 169 -3.39 -11.38 14.57
CA TYR A 169 -2.69 -10.19 14.07
C TYR A 169 -2.69 -10.10 12.57
N LYS A 170 -2.80 -11.23 11.87
CA LYS A 170 -3.04 -11.22 10.41
C LYS A 170 -4.36 -10.49 10.13
N THR A 171 -5.40 -10.85 10.88
CA THR A 171 -6.74 -10.24 10.66
C THR A 171 -6.77 -8.76 11.02
N LEU A 172 -6.16 -8.41 12.14
CA LEU A 172 -6.05 -7.03 12.59
C LEU A 172 -5.34 -6.18 11.55
N ARG A 173 -4.27 -6.72 10.96
CA ARG A 173 -3.55 -5.99 9.91
C ARG A 173 -4.42 -5.70 8.70
N ALA A 174 -5.19 -6.71 8.24
CA ALA A 174 -6.09 -6.52 7.09
C ALA A 174 -7.26 -5.57 7.41
N GLU A 175 -7.82 -5.71 8.61
CA GLU A 175 -8.89 -4.83 9.11
C GLU A 175 -8.40 -3.37 9.33
N GLN A 176 -7.09 -3.21 9.53
CA GLN A 176 -6.43 -1.92 9.78
C GLN A 176 -6.92 -1.22 11.04
N THR A 188 -6.34 -7.29 25.46
CA THR A 188 -7.60 -7.65 26.06
C THR A 188 -8.40 -8.62 25.20
N LEU A 189 -8.72 -8.21 23.97
CA LEU A 189 -9.43 -9.08 23.04
C LEU A 189 -8.62 -10.36 22.76
N LEU A 190 -7.30 -10.25 22.68
CA LEU A 190 -6.45 -11.44 22.47
C LEU A 190 -6.71 -12.49 23.55
N VAL A 191 -6.82 -12.01 24.80
CA VAL A 191 -7.11 -12.86 25.95
C VAL A 191 -8.55 -13.36 25.91
N GLN A 192 -9.50 -12.46 25.68
CA GLN A 192 -10.92 -12.85 25.65
C GLN A 192 -11.22 -13.92 24.60
N ASN A 193 -10.57 -13.82 23.44
CA ASN A 193 -10.76 -14.76 22.34
C ASN A 193 -9.89 -16.04 22.45
N ALA A 194 -9.04 -16.14 23.47
CA ALA A 194 -8.25 -17.35 23.68
C ALA A 194 -9.14 -18.49 24.18
N ASN A 195 -8.67 -19.73 24.10
CA ASN A 195 -9.48 -20.88 24.56
C ASN A 195 -9.46 -20.94 26.11
N PRO A 196 -10.35 -21.74 26.73
CA PRO A 196 -10.45 -21.70 28.21
C PRO A 196 -9.14 -21.92 28.97
N ASP A 197 -8.35 -22.91 28.54
CA ASP A 197 -7.10 -23.26 29.24
C ASP A 197 -6.07 -22.14 29.15
N CYS A 198 -5.84 -21.60 27.95
CA CYS A 198 -4.90 -20.50 27.83
CA CYS A 198 -4.94 -20.47 27.75
C CYS A 198 -5.48 -19.21 28.43
N LYS A 199 -6.79 -18.98 28.31
CA LYS A 199 -7.40 -17.80 28.94
C LYS A 199 -7.09 -17.74 30.44
N THR A 200 -7.25 -18.87 31.12
CA THR A 200 -6.94 -18.96 32.56
C THR A 200 -5.48 -18.63 32.87
N ILE A 201 -4.56 -19.21 32.10
CA ILE A 201 -3.14 -18.91 32.23
C ILE A 201 -2.89 -17.41 32.01
N LEU A 202 -3.46 -16.85 30.96
CA LEU A 202 -3.23 -15.44 30.65
C LEU A 202 -3.81 -14.48 31.68
N LYS A 203 -5.00 -14.81 32.21
CA LYS A 203 -5.62 -14.03 33.31
C LYS A 203 -4.74 -13.94 34.56
N ALA A 204 -3.98 -14.99 34.86
CA ALA A 204 -3.09 -15.02 36.03
C ALA A 204 -1.72 -14.37 35.82
N LEU A 205 -1.37 -14.02 34.58
CA LEU A 205 -0.15 -13.22 34.33
C LEU A 205 -0.30 -11.81 34.87
N GLY A 206 -1.54 -11.30 34.91
CA GLY A 206 -1.81 -9.96 35.39
C GLY A 206 -1.66 -8.96 34.25
N PRO A 207 -1.87 -7.67 34.55
CA PRO A 207 -1.80 -6.63 33.53
C PRO A 207 -0.37 -6.33 33.13
N GLY A 208 -0.21 -5.77 31.93
CA GLY A 208 1.11 -5.37 31.42
C GLY A 208 2.02 -6.49 30.95
N ALA A 209 1.49 -7.70 30.77
CA ALA A 209 2.25 -8.79 30.16
C ALA A 209 2.54 -8.44 28.70
N THR A 210 3.77 -8.69 28.26
CA THR A 210 4.14 -8.51 26.85
C THR A 210 3.54 -9.67 26.04
N LEU A 211 3.49 -9.52 24.72
CA LEU A 211 3.10 -10.60 23.84
C LEU A 211 4.04 -11.80 23.99
N GLU A 212 5.36 -11.53 24.07
CA GLU A 212 6.36 -12.57 24.34
C GLU A 212 6.05 -13.42 25.60
N GLU A 213 5.68 -12.73 26.68
CA GLU A 213 5.35 -13.37 27.95
C GLU A 213 4.06 -14.20 27.85
N MET A 214 3.06 -13.66 27.16
CA MET A 214 1.82 -14.40 26.89
C MET A 214 2.08 -15.67 26.07
N MET A 215 2.86 -15.50 25.01
CA MET A 215 3.21 -16.60 24.13
C MET A 215 4.04 -17.66 24.86
N THR A 216 5.00 -17.22 25.67
CA THR A 216 5.75 -18.15 26.53
C THR A 216 4.82 -18.92 27.47
N ALA A 217 3.94 -18.18 28.14
CA ALA A 217 2.99 -18.73 29.11
C ALA A 217 2.08 -19.81 28.55
N CYS A 218 1.57 -19.61 27.33
CA CYS A 218 0.67 -20.59 26.68
C CYS A 218 1.40 -21.57 25.75
N GLN A 219 2.73 -21.64 25.79
CA GLN A 219 3.51 -22.46 24.85
C GLN A 219 3.37 -23.96 25.07
#